data_6BMM
#
_entry.id   6BMM
#
_cell.length_a   86.519
_cell.length_b   57.700
_cell.length_c   94.098
_cell.angle_alpha   90.000
_cell.angle_beta   115.510
_cell.angle_gamma   90.000
#
_symmetry.space_group_name_H-M   'P 1 21 1'
#
loop_
_entity.id
_entity.type
_entity.pdbx_description
1 polymer 'human DHHC20 palmitoyltransferase'
2 non-polymer 'ZINC ION'
3 non-polymer 'PHOSPHATE ION'
4 non-polymer '(2S)-2,3-dihydroxypropyl (9Z)-octadec-9-enoate'
5 non-polymer (2S,5S)-hexane-2,5-diol
6 water water
#
_entity_poly.entity_id   1
_entity_poly.type   'polypeptide(L)'
_entity_poly.pdbx_seq_one_letter_code
;WRCCQRVVGWVPVLFITFVVVWSYYAYVVELCVFTIFGNEENGKTVVYLVAFHLFFVMFVWSYWMTIFTSPASPSKEFYL
SNSEKERYEKEFSQERQQEILRRAARALPIYTTSASKTIRYCEKCQLIKPDRAHHCSACDSCILKMDHH(CME)PWVNNC
VGFSNYKFFLLFLLYSLLYCLFVAATVLEYFIKFWTNELTDTRAKFHVLFLFFVSAMFFISVLSLFSYHCWLVGKNRTTI
ESFRAPTFSYGPDGNGFSLGCSKNWRQVFGDEKKYWLLPIFSSLGDGCSFPTRLVGM
;
_entity_poly.pdbx_strand_id   A,B
#
# COMPACT_ATOMS: atom_id res chain seq x y z
N TRP A 1 8.59 48.17 5.39
CA TRP A 1 9.65 47.36 5.98
C TRP A 1 9.47 45.88 5.61
N ARG A 2 9.17 45.06 6.62
CA ARG A 2 8.93 43.64 6.39
C ARG A 2 7.63 43.37 5.65
N CYS A 3 6.84 44.41 5.35
CA CYS A 3 5.59 44.21 4.61
C CYS A 3 5.82 43.64 3.22
N CYS A 4 7.02 43.79 2.66
CA CYS A 4 7.32 43.18 1.38
C CYS A 4 7.74 41.71 1.54
N GLN A 5 8.37 41.36 2.66
CA GLN A 5 8.80 39.98 2.87
C GLN A 5 7.66 39.10 3.35
N ARG A 6 6.82 39.61 4.25
CA ARG A 6 5.71 38.82 4.76
C ARG A 6 4.67 38.56 3.67
N VAL A 7 4.38 39.59 2.86
CA VAL A 7 3.41 39.44 1.77
C VAL A 7 3.91 38.43 0.75
N VAL A 8 5.23 38.39 0.52
CA VAL A 8 5.79 37.53 -0.53
C VAL A 8 5.62 36.07 -0.18
N GLY A 9 5.53 35.74 1.12
CA GLY A 9 5.33 34.36 1.50
C GLY A 9 3.98 33.80 1.07
N TRP A 10 2.98 34.66 0.95
CA TRP A 10 1.66 34.27 0.48
C TRP A 10 1.57 34.10 -1.03
N VAL A 11 2.64 34.42 -1.77
CA VAL A 11 2.57 34.36 -3.23
C VAL A 11 2.33 32.94 -3.74
N PRO A 12 3.06 31.92 -3.30
CA PRO A 12 2.74 30.55 -3.77
C PRO A 12 1.35 30.10 -3.38
N VAL A 13 0.84 30.54 -2.23
CA VAL A 13 -0.50 30.12 -1.80
C VAL A 13 -1.55 30.77 -2.68
N LEU A 14 -1.41 32.06 -2.97
CA LEU A 14 -2.40 32.75 -3.80
C LEU A 14 -2.37 32.26 -5.24
N PHE A 15 -1.19 31.87 -5.73
CA PHE A 15 -1.11 31.28 -7.07
C PHE A 15 -1.90 29.98 -7.14
N ILE A 16 -1.75 29.12 -6.13
CA ILE A 16 -2.55 27.90 -6.07
C ILE A 16 -4.03 28.24 -5.97
N THR A 17 -4.37 29.25 -5.16
CA THR A 17 -5.77 29.63 -4.98
C THR A 17 -6.40 30.06 -6.31
N PHE A 18 -5.70 30.89 -7.09
CA PHE A 18 -6.27 31.37 -8.34
C PHE A 18 -6.38 30.27 -9.37
N VAL A 19 -5.43 29.33 -9.38
CA VAL A 19 -5.55 28.16 -10.26
C VAL A 19 -6.74 27.31 -9.85
N VAL A 20 -6.93 27.11 -8.55
CA VAL A 20 -8.05 26.29 -8.08
C VAL A 20 -9.37 26.99 -8.33
N VAL A 21 -9.43 28.31 -8.12
CA VAL A 21 -10.65 29.05 -8.40
C VAL A 21 -11.00 28.99 -9.88
N TRP A 22 -9.99 29.19 -10.75
CA TRP A 22 -10.21 29.05 -12.18
C TRP A 22 -10.67 27.64 -12.55
N SER A 23 -10.00 26.63 -11.99
CA SER A 23 -10.35 25.25 -12.32
C SER A 23 -11.78 24.92 -11.92
N TYR A 24 -12.27 25.51 -10.83
CA TYR A 24 -13.67 25.37 -10.47
C TYR A 24 -14.56 25.96 -11.54
N TYR A 25 -14.29 27.22 -11.93
CA TYR A 25 -15.09 27.88 -12.95
C TYR A 25 -15.02 27.12 -14.28
N ALA A 26 -13.83 26.66 -14.65
CA ALA A 26 -13.68 25.96 -15.93
C ALA A 26 -14.43 24.63 -15.92
N TYR A 27 -14.30 23.86 -14.83
CA TYR A 27 -14.93 22.54 -14.80
C TYR A 27 -16.44 22.64 -14.61
N VAL A 28 -16.89 23.50 -13.70
CA VAL A 28 -18.31 23.56 -13.38
C VAL A 28 -19.09 24.28 -14.46
N VAL A 29 -18.64 25.47 -14.84
CA VAL A 29 -19.40 26.32 -15.76
C VAL A 29 -19.05 25.98 -17.21
N GLU A 30 -17.78 26.12 -17.56
CA GLU A 30 -17.38 25.94 -18.97
C GLU A 30 -17.57 24.51 -19.43
N LEU A 31 -17.28 23.53 -18.56
CA LEU A 31 -17.37 22.12 -18.96
C LEU A 31 -18.75 21.52 -18.66
N CYS A 32 -19.14 21.50 -17.38
CA CYS A 32 -20.35 20.80 -17.00
C CYS A 32 -21.60 21.52 -17.50
N VAL A 33 -21.64 22.84 -17.33
CA VAL A 33 -22.84 23.59 -17.70
C VAL A 33 -22.89 23.84 -19.20
N PHE A 34 -21.81 24.41 -19.76
CA PHE A 34 -21.84 24.85 -21.16
C PHE A 34 -21.56 23.71 -22.13
N THR A 35 -20.68 22.78 -21.78
CA THR A 35 -20.28 21.74 -22.72
C THR A 35 -21.10 20.46 -22.55
N ILE A 36 -21.10 19.89 -21.35
CA ILE A 36 -21.77 18.60 -21.15
C ILE A 36 -23.28 18.79 -21.13
N PHE A 37 -23.78 19.74 -20.34
CA PHE A 37 -25.22 19.96 -20.29
C PHE A 37 -25.75 20.52 -21.62
N GLY A 38 -24.92 21.28 -22.33
CA GLY A 38 -25.28 21.71 -23.67
C GLY A 38 -25.33 20.58 -24.68
N ASN A 39 -24.60 19.50 -24.42
CA ASN A 39 -24.55 18.34 -25.29
C ASN A 39 -25.68 17.35 -25.04
N GLU A 40 -26.74 17.77 -24.33
CA GLU A 40 -27.91 16.95 -24.05
C GLU A 40 -27.58 15.74 -23.19
N GLU A 41 -26.52 15.81 -22.40
CA GLU A 41 -26.09 14.74 -21.51
C GLU A 41 -26.37 15.15 -20.07
N ASN A 42 -27.67 15.21 -19.73
CA ASN A 42 -28.06 15.73 -18.43
C ASN A 42 -27.79 14.76 -17.28
N GLY A 43 -27.72 13.47 -17.56
CA GLY A 43 -27.34 12.52 -16.52
C GLY A 43 -25.89 12.67 -16.10
N LYS A 44 -24.98 12.81 -17.08
CA LYS A 44 -23.57 12.96 -16.78
C LYS A 44 -23.26 14.27 -16.06
N THR A 45 -24.01 15.34 -16.36
CA THR A 45 -23.75 16.63 -15.74
C THR A 45 -23.90 16.54 -14.22
N VAL A 46 -24.99 15.93 -13.76
CA VAL A 46 -25.24 15.86 -12.32
C VAL A 46 -24.21 14.97 -11.64
N VAL A 47 -23.89 13.83 -12.23
CA VAL A 47 -22.92 12.91 -11.64
C VAL A 47 -21.55 13.58 -11.53
N TYR A 48 -21.12 14.25 -12.60
CA TYR A 48 -19.82 14.92 -12.58
C TYR A 48 -19.80 16.05 -11.56
N LEU A 49 -20.89 16.84 -11.51
CA LEU A 49 -20.93 17.98 -10.59
C LEU A 49 -20.90 17.53 -9.14
N VAL A 50 -21.59 16.43 -8.82
CA VAL A 50 -21.59 15.93 -7.45
C VAL A 50 -20.21 15.40 -7.09
N ALA A 51 -19.63 14.56 -7.95
CA ALA A 51 -18.30 14.00 -7.68
C ALA A 51 -17.25 15.10 -7.61
N PHE A 52 -17.34 16.09 -8.49
CA PHE A 52 -16.35 17.17 -8.49
C PHE A 52 -16.33 17.92 -7.16
N HIS A 53 -17.51 18.18 -6.59
CA HIS A 53 -17.55 18.96 -5.36
C HIS A 53 -17.02 18.18 -4.17
N LEU A 54 -17.16 16.85 -4.18
CA LEU A 54 -16.60 16.05 -3.10
C LEU A 54 -15.08 16.09 -3.11
N PHE A 55 -14.47 15.96 -4.29
CA PHE A 55 -13.01 16.08 -4.40
C PHE A 55 -12.56 17.52 -4.15
N PHE A 56 -13.32 18.49 -4.65
CA PHE A 56 -12.94 19.89 -4.47
C PHE A 56 -12.97 20.29 -3.00
N VAL A 57 -13.97 19.80 -2.26
CA VAL A 57 -14.07 20.17 -0.85
C VAL A 57 -12.94 19.53 -0.04
N MET A 58 -12.70 18.24 -0.25
CA MET A 58 -11.64 17.55 0.50
C MET A 58 -10.27 18.19 0.23
N PHE A 59 -10.03 18.60 -1.02
CA PHE A 59 -8.77 19.27 -1.33
C PHE A 59 -8.65 20.59 -0.61
N VAL A 60 -9.65 21.47 -0.78
CA VAL A 60 -9.61 22.80 -0.16
C VAL A 60 -9.61 22.69 1.36
N TRP A 61 -10.31 21.69 1.90
CA TRP A 61 -10.31 21.50 3.35
C TRP A 61 -8.93 21.09 3.86
N SER A 62 -8.31 20.10 3.21
CA SER A 62 -6.97 19.69 3.59
C SER A 62 -5.96 20.81 3.37
N TYR A 63 -6.10 21.53 2.24
CA TYR A 63 -5.21 22.65 1.96
C TYR A 63 -5.33 23.74 3.01
N TRP A 64 -6.56 24.05 3.42
CA TRP A 64 -6.77 25.07 4.45
C TRP A 64 -6.12 24.66 5.77
N MET A 65 -6.32 23.41 6.19
CA MET A 65 -5.79 22.96 7.47
C MET A 65 -4.27 22.99 7.48
N THR A 66 -3.63 22.65 6.35
CA THR A 66 -2.18 22.66 6.32
C THR A 66 -1.62 24.08 6.42
N ILE A 67 -2.32 25.05 5.84
CA ILE A 67 -1.83 26.42 5.82
C ILE A 67 -1.98 27.06 7.21
N PHE A 68 -3.16 26.95 7.81
CA PHE A 68 -3.51 27.74 8.97
C PHE A 68 -3.37 26.99 10.30
N THR A 69 -2.95 25.73 10.29
CA THR A 69 -2.64 25.04 11.52
C THR A 69 -1.29 25.53 12.02
N SER A 70 -1.30 26.25 13.14
CA SER A 70 -0.05 26.79 13.67
C SER A 70 0.87 25.66 14.12
N PRO A 71 2.16 25.73 13.83
CA PRO A 71 3.07 24.66 14.24
C PRO A 71 3.28 24.65 15.74
N ALA A 72 3.36 23.44 16.30
CA ALA A 72 3.57 23.27 17.73
C ALA A 72 5.01 23.56 18.10
N SER A 73 5.19 24.09 19.31
CA SER A 73 6.49 24.42 19.88
C SER A 73 6.70 23.64 21.16
N PRO A 74 7.94 23.51 21.64
CA PRO A 74 8.17 22.74 22.87
C PRO A 74 7.39 23.31 24.05
N SER A 75 7.03 22.42 24.97
CA SER A 75 6.26 22.79 26.15
C SER A 75 7.17 23.48 27.18
N LYS A 76 6.62 23.74 28.36
CA LYS A 76 7.36 24.47 29.39
C LYS A 76 8.50 23.62 29.95
N GLU A 77 8.31 22.30 30.05
CA GLU A 77 9.29 21.44 30.69
C GLU A 77 10.65 21.46 30.00
N PHE A 78 10.71 21.85 28.72
CA PHE A 78 11.96 21.86 27.98
C PHE A 78 12.73 23.17 28.11
N TYR A 79 12.14 24.16 28.77
CA TYR A 79 12.86 25.40 29.10
C TYR A 79 13.63 25.22 30.40
N LEU A 80 14.87 25.71 30.40
CA LEU A 80 15.70 25.65 31.60
C LEU A 80 15.12 26.54 32.69
N SER A 81 15.21 26.07 33.94
CA SER A 81 14.74 26.87 35.06
C SER A 81 15.55 28.15 35.19
N ASN A 82 14.95 29.15 35.84
CA ASN A 82 15.61 30.44 36.01
C ASN A 82 16.94 30.29 36.74
N SER A 83 17.00 29.40 37.73
CA SER A 83 18.26 29.12 38.40
C SER A 83 19.28 28.52 37.44
N GLU A 84 18.85 27.55 36.62
CA GLU A 84 19.76 26.92 35.67
C GLU A 84 20.05 27.81 34.47
N LYS A 85 19.09 28.63 34.05
CA LYS A 85 19.32 29.50 32.90
C LYS A 85 20.36 30.57 33.21
N GLU A 86 20.32 31.12 34.43
CA GLU A 86 21.28 32.16 34.80
C GLU A 86 22.70 31.61 34.81
N ARG A 87 22.90 30.42 35.39
CA ARG A 87 24.24 29.84 35.44
C ARG A 87 24.72 29.39 34.07
N TYR A 88 23.81 28.97 33.20
CA TYR A 88 24.21 28.55 31.86
C TYR A 88 24.77 29.72 31.07
N GLU A 89 24.16 30.90 31.17
CA GLU A 89 24.66 32.07 30.47
C GLU A 89 25.99 32.55 31.03
N LYS A 90 26.20 32.40 32.35
CA LYS A 90 27.43 32.85 32.98
C LYS A 90 28.58 31.88 32.81
N GLU A 91 28.30 30.60 32.57
CA GLU A 91 29.35 29.60 32.46
C GLU A 91 30.24 29.89 31.25
N PHE A 92 31.55 29.79 31.45
CA PHE A 92 32.52 30.02 30.39
C PHE A 92 33.05 28.73 29.78
N SER A 93 33.27 27.71 30.59
CA SER A 93 33.73 26.43 30.07
C SER A 93 32.63 25.75 29.27
N GLN A 94 32.99 25.25 28.08
CA GLN A 94 32.01 24.56 27.25
C GLN A 94 31.57 23.26 27.91
N GLU A 95 32.49 22.57 28.58
CA GLU A 95 32.14 21.33 29.28
C GLU A 95 31.19 21.61 30.44
N ARG A 96 31.40 22.74 31.14
CA ARG A 96 30.54 23.06 32.27
C ARG A 96 29.12 23.38 31.79
N GLN A 97 28.99 24.03 30.63
CA GLN A 97 27.67 24.34 30.09
C GLN A 97 26.87 23.06 29.84
N GLN A 98 27.53 22.04 29.28
CA GLN A 98 26.84 20.79 29.00
C GLN A 98 26.41 20.08 30.27
N GLU A 99 27.10 20.34 31.39
CA GLU A 99 26.73 19.69 32.65
C GLU A 99 25.37 20.16 33.13
N ILE A 100 25.05 21.45 32.93
CA ILE A 100 23.71 21.94 33.28
C ILE A 100 22.68 21.30 32.36
N LEU A 101 22.95 21.26 31.06
CA LEU A 101 22.00 20.67 30.12
C LEU A 101 21.82 19.17 30.37
N ARG A 102 22.92 18.45 30.61
CA ARG A 102 22.84 17.01 30.81
C ARG A 102 22.02 16.69 32.05
N ARG A 103 22.16 17.48 33.11
CA ARG A 103 21.40 17.25 34.33
C ARG A 103 19.92 17.48 34.11
N ALA A 104 19.56 18.51 33.35
CA ALA A 104 18.17 18.78 33.05
C ALA A 104 17.61 17.76 32.06
N ALA A 105 18.43 17.32 31.10
CA ALA A 105 17.96 16.37 30.10
C ALA A 105 17.62 15.03 30.74
N ARG A 106 18.25 14.70 31.86
CA ARG A 106 17.93 13.44 32.54
C ARG A 106 16.49 13.42 33.02
N ALA A 107 15.92 14.59 33.33
CA ALA A 107 14.53 14.67 33.77
C ALA A 107 13.55 14.54 32.61
N LEU A 108 13.95 15.00 31.41
CA LEU A 108 13.13 15.05 30.21
C LEU A 108 13.30 13.79 29.39
N PRO A 109 12.29 13.41 28.59
CA PRO A 109 12.41 12.19 27.77
C PRO A 109 13.12 12.47 26.44
N ILE A 110 14.44 12.56 26.53
CA ILE A 110 15.29 12.81 25.37
C ILE A 110 16.17 11.60 25.14
N TYR A 111 16.19 11.09 23.91
CA TYR A 111 16.97 9.92 23.55
C TYR A 111 17.98 10.20 22.45
N THR A 112 18.10 11.44 22.00
CA THR A 112 19.00 11.80 20.91
C THR A 112 19.88 12.98 21.30
N THR A 113 21.02 13.09 20.63
CA THR A 113 21.94 14.20 20.77
C THR A 113 22.31 14.70 19.38
N SER A 114 23.13 15.74 19.32
CA SER A 114 23.64 16.22 18.05
C SER A 114 24.65 15.22 17.50
N ALA A 115 25.14 15.50 16.29
CA ALA A 115 26.20 14.67 15.72
C ALA A 115 27.48 14.70 16.55
N SER A 116 27.63 15.69 17.42
CA SER A 116 28.78 15.80 18.30
C SER A 116 28.48 15.32 19.72
N LYS A 117 27.45 14.50 19.89
CA LYS A 117 27.07 13.93 21.20
C LYS A 117 26.74 15.03 22.22
N THR A 118 26.34 16.19 21.74
CA THR A 118 25.99 17.32 22.60
C THR A 118 24.48 17.38 22.79
N ILE A 119 24.07 17.80 24.00
CA ILE A 119 22.65 17.97 24.28
C ILE A 119 22.11 19.04 23.35
N ARG A 120 21.07 18.69 22.59
CA ARG A 120 20.50 19.64 21.64
C ARG A 120 19.88 20.81 22.37
N TYR A 121 20.41 22.01 22.11
CA TYR A 121 19.97 23.24 22.75
C TYR A 121 19.81 24.32 21.70
N CYS A 122 18.77 25.15 21.86
CA CYS A 122 18.48 26.22 20.93
C CYS A 122 18.88 27.55 21.58
N GLU A 123 19.83 28.25 20.98
CA GLU A 123 20.30 29.51 21.53
C GLU A 123 19.22 30.60 21.40
N LYS A 124 18.67 30.74 20.20
CA LYS A 124 17.68 31.79 19.96
C LYS A 124 16.43 31.57 20.78
N CYS A 125 15.93 30.34 20.82
CA CYS A 125 14.74 30.03 21.60
C CYS A 125 15.04 29.87 23.09
N GLN A 126 16.29 29.62 23.46
CA GLN A 126 16.71 29.45 24.86
C GLN A 126 15.92 28.31 25.52
N LEU A 127 16.07 27.11 24.95
CA LEU A 127 15.40 25.93 25.44
C LEU A 127 16.16 24.70 24.98
N ILE A 128 15.84 23.56 25.58
CA ILE A 128 16.42 22.29 25.20
C ILE A 128 15.55 21.67 24.12
N LYS A 129 16.13 21.46 22.95
CA LYS A 129 15.38 20.95 21.80
C LYS A 129 14.85 19.55 22.09
N PRO A 130 13.54 19.33 22.02
CA PRO A 130 13.03 17.96 22.12
C PRO A 130 13.50 17.11 20.96
N ASP A 131 13.34 15.80 21.10
CA ASP A 131 13.70 14.88 20.04
C ASP A 131 12.91 15.18 18.77
N ARG A 132 13.60 15.15 17.63
CA ARG A 132 13.06 15.36 16.29
C ARG A 132 12.61 16.78 16.04
N ALA A 133 12.79 17.69 17.00
CA ALA A 133 12.40 19.08 16.83
C ALA A 133 13.59 19.90 16.34
N HIS A 134 13.31 20.87 15.46
CA HIS A 134 14.35 21.71 14.88
C HIS A 134 13.87 23.15 14.82
N HIS A 135 14.82 24.07 14.80
CA HIS A 135 14.52 25.49 14.72
C HIS A 135 14.41 25.90 13.26
N CYS A 136 13.37 26.66 12.94
CA CYS A 136 13.11 27.14 11.58
C CYS A 136 13.38 28.64 11.53
N SER A 137 14.26 29.05 10.62
CA SER A 137 14.57 30.47 10.48
C SER A 137 13.38 31.26 9.94
N ALA A 138 12.58 30.64 9.07
CA ALA A 138 11.42 31.33 8.52
C ALA A 138 10.33 31.51 9.59
N CYS A 139 10.00 30.44 10.31
CA CYS A 139 9.03 30.55 11.39
C CYS A 139 9.61 31.17 12.64
N ASP A 140 10.94 31.24 12.76
CA ASP A 140 11.61 31.84 13.92
C ASP A 140 11.14 31.18 15.22
N SER A 141 11.14 29.84 15.22
CA SER A 141 10.70 29.06 16.36
C SER A 141 11.16 27.63 16.17
N CYS A 142 11.11 26.85 17.25
CA CYS A 142 11.40 25.43 17.22
C CYS A 142 10.13 24.67 16.88
N ILE A 143 10.20 23.78 15.90
CA ILE A 143 9.04 23.09 15.35
C ILE A 143 9.11 21.64 15.80
N LEU A 144 8.05 21.17 16.46
CA LEU A 144 7.99 19.77 16.90
C LEU A 144 7.88 18.83 15.71
N LYS A 145 8.69 17.78 15.71
CA LYS A 145 8.80 16.84 14.60
C LYS A 145 8.79 17.56 13.26
N MET A 146 9.71 18.51 13.12
CA MET A 146 9.79 19.30 11.91
C MET A 146 10.17 18.43 10.72
N ASP A 147 9.42 18.58 9.63
CA ASP A 147 9.73 17.94 8.36
C ASP A 147 10.46 18.89 7.44
N HIS A 148 9.86 20.05 7.16
CA HIS A 148 10.45 21.10 6.34
C HIS A 148 9.52 22.30 6.36
N HIS A 149 10.06 23.45 5.98
CA HIS A 149 9.24 24.64 5.77
C HIS A 149 8.78 24.67 4.32
N PRO A 151 6.94 26.54 1.15
CA PRO A 151 6.47 27.77 0.52
C PRO A 151 5.05 27.63 -0.02
N TRP A 152 4.70 26.41 -0.43
CA TRP A 152 3.38 26.18 -1.03
C TRP A 152 2.25 26.38 -0.03
N VAL A 153 2.50 26.15 1.25
CA VAL A 153 1.52 26.42 2.30
C VAL A 153 1.93 27.55 3.22
N ASN A 154 3.06 28.22 2.94
CA ASN A 154 3.56 29.34 3.73
C ASN A 154 3.53 29.01 5.23
N ASN A 155 4.04 27.82 5.55
CA ASN A 155 4.01 27.34 6.93
C ASN A 155 4.97 26.18 7.07
N CYS A 156 5.35 25.88 8.31
CA CYS A 156 6.14 24.70 8.59
C CYS A 156 5.26 23.45 8.55
N VAL A 157 5.81 22.38 8.00
CA VAL A 157 5.15 21.08 7.98
C VAL A 157 5.80 20.27 9.08
N GLY A 158 5.10 20.12 10.21
CA GLY A 158 5.65 19.39 11.33
C GLY A 158 4.63 18.52 12.03
N PHE A 159 4.81 18.30 13.33
CA PHE A 159 3.96 17.38 14.08
C PHE A 159 2.50 17.78 14.01
N SER A 160 2.20 19.07 13.92
CA SER A 160 0.83 19.53 14.00
C SER A 160 0.07 19.30 12.69
N ASN A 161 0.71 19.58 11.55
CA ASN A 161 0.03 19.59 10.26
C ASN A 161 0.48 18.49 9.31
N TYR A 162 1.38 17.60 9.74
CA TYR A 162 1.95 16.63 8.80
C TYR A 162 0.87 15.76 8.16
N LYS A 163 -0.13 15.34 8.94
CA LYS A 163 -1.20 14.54 8.37
C LYS A 163 -2.08 15.38 7.45
N PHE A 164 -2.28 16.66 7.81
CA PHE A 164 -2.99 17.56 6.90
C PHE A 164 -2.21 17.76 5.62
N PHE A 165 -0.88 17.80 5.73
CA PHE A 165 -0.03 17.94 4.55
C PHE A 165 -0.12 16.72 3.65
N LEU A 166 -0.13 15.52 4.23
CA LEU A 166 -0.23 14.30 3.44
C LEU A 166 -1.60 14.20 2.76
N LEU A 167 -2.67 14.55 3.50
CA LEU A 167 -3.99 14.53 2.90
C LEU A 167 -4.16 15.63 1.85
N PHE A 168 -3.51 16.78 2.04
CA PHE A 168 -3.52 17.81 1.00
C PHE A 168 -2.93 17.29 -0.29
N LEU A 169 -1.82 16.54 -0.20
CA LEU A 169 -1.25 15.93 -1.39
C LEU A 169 -2.21 14.89 -1.96
N LEU A 170 -2.63 13.94 -1.14
CA LEU A 170 -3.51 12.86 -1.58
C LEU A 170 -4.71 13.40 -2.35
N TYR A 171 -5.39 14.40 -1.79
CA TYR A 171 -6.57 14.94 -2.44
C TYR A 171 -6.23 15.80 -3.64
N SER A 172 -4.99 16.30 -3.74
CA SER A 172 -4.55 16.91 -4.99
C SER A 172 -4.42 15.87 -6.10
N LEU A 173 -3.87 14.70 -5.77
CA LEU A 173 -3.81 13.61 -6.75
C LEU A 173 -5.21 13.22 -7.22
N LEU A 174 -6.13 13.01 -6.28
CA LEU A 174 -7.48 12.58 -6.63
C LEU A 174 -8.22 13.67 -7.40
N TYR A 175 -8.05 14.94 -7.00
CA TYR A 175 -8.71 16.04 -7.69
C TYR A 175 -8.20 16.16 -9.12
N CYS A 176 -6.89 16.19 -9.31
CA CYS A 176 -6.32 16.29 -10.65
C CYS A 176 -6.67 15.07 -11.50
N LEU A 177 -6.61 13.87 -10.91
CA LEU A 177 -6.93 12.66 -11.66
C LEU A 177 -8.39 12.65 -12.09
N PHE A 178 -9.30 13.04 -11.19
CA PHE A 178 -10.72 13.09 -11.53
C PHE A 178 -10.95 14.08 -12.67
N VAL A 179 -10.31 15.24 -12.62
CA VAL A 179 -10.49 16.24 -13.67
C VAL A 179 -9.95 15.70 -15.00
N ALA A 180 -8.72 15.22 -14.99
CA ALA A 180 -8.10 14.77 -16.24
C ALA A 180 -8.88 13.62 -16.87
N ALA A 181 -9.35 12.67 -16.06
CA ALA A 181 -10.07 11.53 -16.61
C ALA A 181 -11.40 11.95 -17.23
N THR A 182 -12.12 12.86 -16.58
CA THR A 182 -13.44 13.26 -17.07
C THR A 182 -13.36 14.29 -18.19
N VAL A 183 -12.34 15.15 -18.17
CA VAL A 183 -12.20 16.18 -19.21
C VAL A 183 -11.67 15.58 -20.51
N LEU A 184 -10.96 14.44 -20.42
CA LEU A 184 -10.23 13.91 -21.57
C LEU A 184 -11.15 13.70 -22.77
N GLU A 185 -12.29 13.02 -22.57
CA GLU A 185 -13.18 12.73 -23.69
C GLU A 185 -13.67 14.00 -24.36
N TYR A 186 -13.91 15.06 -23.58
CA TYR A 186 -14.36 16.31 -24.16
C TYR A 186 -13.20 17.12 -24.70
N PHE A 187 -12.00 16.92 -24.17
CA PHE A 187 -10.81 17.49 -24.78
C PHE A 187 -10.59 16.93 -26.18
N ILE A 188 -10.75 15.61 -26.34
CA ILE A 188 -10.59 14.97 -27.64
C ILE A 188 -11.67 15.45 -28.61
N LYS A 189 -12.91 15.53 -28.15
CA LYS A 189 -14.01 15.89 -29.03
C LYS A 189 -13.86 17.30 -29.61
N PHE A 190 -13.28 18.22 -28.83
CA PHE A 190 -13.09 19.58 -29.33
C PHE A 190 -12.14 19.61 -30.53
N TRP A 191 -11.10 18.78 -30.51
CA TRP A 191 -10.05 18.86 -31.51
C TRP A 191 -10.23 17.88 -32.66
N THR A 192 -11.17 16.94 -32.56
CA THR A 192 -11.71 16.26 -33.71
C THR A 192 -12.90 17.01 -34.30
N ASN A 193 -13.17 18.21 -33.78
CA ASN A 193 -14.23 19.10 -34.28
C ASN A 193 -15.61 18.44 -34.19
N GLU A 194 -15.84 17.69 -33.11
CA GLU A 194 -17.19 17.29 -32.73
C GLU A 194 -17.88 18.33 -31.87
N LEU A 195 -17.11 19.26 -31.30
CA LEU A 195 -17.63 20.39 -30.55
C LEU A 195 -16.94 21.66 -31.06
N THR A 196 -17.60 22.80 -30.91
CA THR A 196 -17.18 24.01 -31.60
C THR A 196 -16.88 25.20 -30.69
N ASP A 197 -17.50 25.29 -29.52
CA ASP A 197 -17.40 26.48 -28.67
C ASP A 197 -15.94 26.87 -28.43
N THR A 198 -15.59 28.07 -28.87
CA THR A 198 -14.21 28.54 -28.72
C THR A 198 -13.91 28.96 -27.28
N ARG A 199 -14.91 29.48 -26.56
CA ARG A 199 -14.69 29.89 -25.18
C ARG A 199 -14.40 28.68 -24.29
N ALA A 200 -15.15 27.60 -24.46
CA ALA A 200 -14.93 26.40 -23.65
C ALA A 200 -13.73 25.59 -24.15
N LYS A 201 -13.41 25.70 -25.44
CA LYS A 201 -12.26 24.98 -26.00
C LYS A 201 -10.97 25.35 -25.28
N PHE A 202 -10.80 26.64 -24.97
CA PHE A 202 -9.61 27.09 -24.27
C PHE A 202 -9.52 26.51 -22.86
N HIS A 203 -10.61 26.61 -22.09
CA HIS A 203 -10.58 26.17 -20.71
C HIS A 203 -10.44 24.65 -20.61
N VAL A 204 -11.07 23.91 -21.53
CA VAL A 204 -10.98 22.46 -21.51
C VAL A 204 -9.56 22.01 -21.84
N LEU A 205 -8.91 22.70 -22.77
CA LEU A 205 -7.52 22.40 -23.09
C LEU A 205 -6.62 22.54 -21.88
N PHE A 206 -6.73 23.67 -21.17
CA PHE A 206 -5.88 23.89 -20.00
C PHE A 206 -6.32 23.04 -18.82
N LEU A 207 -7.61 22.75 -18.69
CA LEU A 207 -8.09 21.85 -17.65
C LEU A 207 -7.36 20.52 -17.67
N PHE A 208 -7.14 19.97 -18.86
CA PHE A 208 -6.48 18.66 -18.96
C PHE A 208 -4.99 18.76 -18.66
N PHE A 209 -4.32 19.78 -19.21
CA PHE A 209 -2.87 19.86 -19.05
C PHE A 209 -2.48 20.31 -17.64
N VAL A 210 -3.20 21.29 -17.09
CA VAL A 210 -2.86 21.78 -15.74
C VAL A 210 -3.03 20.66 -14.72
N SER A 211 -4.15 19.94 -14.80
CA SER A 211 -4.37 18.82 -13.88
C SER A 211 -3.35 17.71 -14.09
N ALA A 212 -2.91 17.48 -15.33
CA ALA A 212 -1.89 16.47 -15.60
C ALA A 212 -0.53 16.93 -15.12
N MET A 213 -0.23 18.23 -15.24
CA MET A 213 1.05 18.76 -14.79
C MET A 213 1.17 18.62 -13.27
N PHE A 214 0.17 19.10 -12.53
CA PHE A 214 0.23 19.01 -11.08
C PHE A 214 0.22 17.56 -10.61
N PHE A 215 -0.56 16.71 -11.28
CA PHE A 215 -0.61 15.29 -10.89
C PHE A 215 0.77 14.66 -10.94
N ILE A 216 1.48 14.84 -12.05
CA ILE A 216 2.84 14.32 -12.16
C ILE A 216 3.74 14.93 -11.10
N SER A 217 3.57 16.23 -10.84
CA SER A 217 4.43 16.92 -9.88
C SER A 217 4.23 16.39 -8.47
N VAL A 218 2.97 16.35 -8.01
CA VAL A 218 2.71 15.96 -6.63
C VAL A 218 2.79 14.46 -6.41
N LEU A 219 2.70 13.66 -7.48
CA LEU A 219 2.78 12.21 -7.32
C LEU A 219 4.13 11.78 -6.76
N SER A 220 5.22 12.33 -7.32
CA SER A 220 6.55 12.02 -6.80
C SER A 220 6.70 12.47 -5.36
N LEU A 221 6.17 13.66 -5.03
CA LEU A 221 6.18 14.11 -3.65
C LEU A 221 5.39 13.18 -2.75
N PHE A 222 4.25 12.68 -3.24
CA PHE A 222 3.42 11.79 -2.43
C PHE A 222 4.08 10.44 -2.22
N SER A 223 4.68 9.88 -3.28
CA SER A 223 5.36 8.60 -3.14
C SER A 223 6.57 8.71 -2.22
N TYR A 224 7.26 9.85 -2.26
CA TYR A 224 8.41 10.06 -1.39
C TYR A 224 8.00 10.12 0.07
N HIS A 225 6.91 10.84 0.37
CA HIS A 225 6.46 10.94 1.75
C HIS A 225 5.83 9.65 2.25
N CYS A 226 5.19 8.88 1.36
CA CYS A 226 4.71 7.56 1.76
C CYS A 226 5.86 6.67 2.20
N TRP A 227 7.04 6.84 1.59
CA TRP A 227 8.22 6.11 2.04
C TRP A 227 8.70 6.64 3.38
N LEU A 228 8.72 7.97 3.55
CA LEU A 228 9.14 8.56 4.82
C LEU A 228 8.26 8.09 5.97
N VAL A 229 6.94 8.07 5.77
CA VAL A 229 6.03 7.64 6.84
C VAL A 229 6.25 6.17 7.15
N GLY A 230 6.46 5.34 6.13
CA GLY A 230 6.73 3.93 6.35
C GLY A 230 8.01 3.68 7.12
N LYS A 231 9.00 4.57 6.96
CA LYS A 231 10.26 4.47 7.67
C LYS A 231 10.30 5.31 8.95
N ASN A 232 9.26 6.11 9.19
CA ASN A 232 9.20 6.99 10.36
C ASN A 232 10.39 7.95 10.38
N ARG A 233 10.63 8.59 9.24
CA ARG A 233 11.68 9.59 9.09
C ARG A 233 11.08 10.87 8.56
N THR A 234 11.41 12.00 9.18
CA THR A 234 11.07 13.28 8.60
C THR A 234 12.01 13.59 7.44
N THR A 235 11.67 14.63 6.69
CA THR A 235 12.52 15.03 5.57
C THR A 235 13.92 15.38 6.05
N ILE A 236 14.02 16.06 7.19
CA ILE A 236 15.32 16.42 7.75
C ILE A 236 16.09 15.16 8.15
N GLU A 237 15.41 14.23 8.83
CA GLU A 237 16.07 13.00 9.27
C GLU A 237 16.54 12.16 8.09
N SER A 238 15.87 12.26 6.94
CA SER A 238 16.27 11.51 5.76
C SER A 238 17.64 11.95 5.24
N PHE A 239 18.06 13.17 5.56
CA PHE A 239 19.38 13.67 5.18
C PHE A 239 20.41 13.51 6.30
N ARG A 240 20.10 13.98 7.50
CA ARG A 240 20.98 13.88 8.65
C ARG A 240 20.31 12.97 9.67
N ALA A 241 20.77 11.72 9.74
CA ALA A 241 20.17 10.76 10.65
C ALA A 241 20.39 11.19 12.10
N PRO A 242 19.40 10.98 12.98
CA PRO A 242 19.58 11.38 14.38
C PRO A 242 20.56 10.47 15.09
N THR A 243 21.33 11.06 16.00
CA THR A 243 22.35 10.34 16.76
C THR A 243 21.79 10.00 18.13
N PHE A 244 21.68 8.70 18.42
CA PHE A 244 21.19 8.21 19.70
C PHE A 244 22.37 7.92 20.62
N SER A 245 22.06 7.41 21.82
CA SER A 245 23.11 7.06 22.77
C SER A 245 24.03 5.97 22.21
N TYR A 246 23.49 5.07 21.39
CA TYR A 246 24.26 4.02 20.75
C TYR A 246 24.79 4.42 19.38
N GLY A 247 24.70 5.71 19.03
CA GLY A 247 25.23 6.19 17.77
C GLY A 247 24.15 6.63 16.82
N PRO A 248 24.55 7.09 15.63
CA PRO A 248 23.56 7.51 14.63
C PRO A 248 22.74 6.32 14.15
N ASP A 249 21.42 6.51 14.08
CA ASP A 249 20.51 5.47 13.63
C ASP A 249 19.49 6.07 12.69
N GLY A 250 19.48 5.60 11.44
CA GLY A 250 18.46 6.02 10.49
C GLY A 250 17.09 5.43 10.75
N ASN A 251 17.00 4.44 11.64
CA ASN A 251 15.73 3.80 12.00
C ASN A 251 15.47 3.90 13.49
N GLY A 252 16.00 4.94 14.15
CA GLY A 252 15.87 5.06 15.59
C GLY A 252 14.44 5.23 16.06
N PHE A 253 13.61 5.90 15.27
CA PHE A 253 12.23 6.16 15.61
C PHE A 253 11.26 5.21 14.91
N SER A 254 11.77 4.23 14.18
CA SER A 254 10.90 3.29 13.47
C SER A 254 10.34 2.25 14.42
N LEU A 255 9.07 1.92 14.24
CA LEU A 255 8.37 0.93 15.06
C LEU A 255 7.77 -0.20 14.23
N GLY A 256 8.18 -0.33 12.98
CA GLY A 256 7.50 -1.20 12.04
C GLY A 256 6.53 -0.42 11.17
N CYS A 257 6.33 -0.90 9.94
CA CYS A 257 5.60 -0.14 8.94
C CYS A 257 4.20 0.22 9.43
N SER A 258 3.46 -0.77 9.94
CA SER A 258 2.08 -0.53 10.37
C SER A 258 2.02 0.51 11.48
N LYS A 259 2.92 0.42 12.47
CA LYS A 259 2.87 1.34 13.59
C LYS A 259 3.37 2.73 13.20
N ASN A 260 4.32 2.80 12.26
CA ASN A 260 4.83 4.10 11.83
C ASN A 260 3.73 4.92 11.16
N TRP A 261 2.90 4.28 10.33
CA TRP A 261 1.76 4.95 9.75
C TRP A 261 0.76 5.38 10.83
N ARG A 262 0.56 4.51 11.84
CA ARG A 262 -0.36 4.83 12.92
C ARG A 262 0.11 6.03 13.72
N GLN A 263 1.42 6.24 13.83
CA GLN A 263 1.93 7.42 14.53
C GLN A 263 1.43 8.70 13.89
N VAL A 264 1.36 8.73 12.56
CA VAL A 264 0.93 9.94 11.87
C VAL A 264 -0.59 10.01 11.77
N PHE A 265 -1.23 8.90 11.42
CA PHE A 265 -2.66 8.88 11.13
C PHE A 265 -3.53 8.46 12.31
N GLY A 266 -2.94 7.86 13.36
CA GLY A 266 -3.70 7.46 14.52
C GLY A 266 -4.22 6.05 14.44
N ASP A 267 -4.99 5.69 15.47
CA ASP A 267 -5.52 4.34 15.61
C ASP A 267 -6.97 4.21 15.15
N GLU A 268 -7.69 5.33 15.03
CA GLU A 268 -9.08 5.30 14.59
C GLU A 268 -9.12 5.44 13.07
N LYS A 269 -9.65 4.42 12.40
CA LYS A 269 -9.67 4.41 10.93
C LYS A 269 -10.54 5.53 10.38
N LYS A 270 -11.55 5.96 11.15
CA LYS A 270 -12.50 6.96 10.66
C LYS A 270 -11.87 8.34 10.52
N TYR A 271 -10.66 8.56 11.03
CA TYR A 271 -9.97 9.83 10.93
C TYR A 271 -8.85 9.82 9.89
N TRP A 272 -8.58 8.68 9.26
CA TRP A 272 -7.42 8.56 8.38
C TRP A 272 -7.51 9.50 7.19
N LEU A 273 -8.68 9.65 6.60
CA LEU A 273 -8.85 10.46 5.39
C LEU A 273 -9.40 11.85 5.67
N LEU A 274 -9.57 12.22 6.93
CA LEU A 274 -10.11 13.52 7.27
C LEU A 274 -9.03 14.44 7.81
N PRO A 275 -8.91 15.67 7.32
CA PRO A 275 -7.89 16.59 7.87
C PRO A 275 -8.23 17.08 9.26
N ILE A 276 -8.45 16.15 10.18
CA ILE A 276 -8.66 16.44 11.59
C ILE A 276 -7.53 15.77 12.36
N PHE A 277 -6.99 16.49 13.34
CA PHE A 277 -5.81 16.01 14.04
C PHE A 277 -6.08 14.67 14.72
N SER A 278 -5.22 13.68 14.41
CA SER A 278 -5.39 12.35 15.00
C SER A 278 -4.04 11.65 15.21
N SER A 279 -2.94 12.39 15.22
CA SER A 279 -1.63 11.78 15.39
C SER A 279 -1.38 11.40 16.84
N LEU A 280 -0.60 10.35 17.03
CA LEU A 280 -0.31 9.86 18.37
C LEU A 280 0.75 10.72 19.04
N GLY A 281 0.73 10.72 20.37
CA GLY A 281 1.73 11.44 21.13
C GLY A 281 1.48 12.94 21.18
N ASP A 282 2.50 13.66 21.64
CA ASP A 282 2.44 15.10 21.79
C ASP A 282 3.51 15.83 20.99
N GLY A 283 4.41 15.11 20.32
CA GLY A 283 5.44 15.72 19.52
C GLY A 283 6.73 16.01 20.24
N CYS A 284 6.77 15.90 21.57
CA CYS A 284 7.98 16.14 22.34
C CYS A 284 8.75 14.86 22.66
N SER A 285 8.05 13.73 22.80
CA SER A 285 8.70 12.44 23.02
C SER A 285 8.10 11.43 22.06
N PHE A 286 8.94 10.52 21.57
CA PHE A 286 8.53 9.54 20.59
C PHE A 286 9.03 8.15 20.99
N PRO A 287 8.26 7.11 20.73
CA PRO A 287 8.74 5.76 20.99
C PRO A 287 10.00 5.47 20.17
N THR A 288 10.88 4.67 20.75
CA THR A 288 12.14 4.33 20.13
C THR A 288 12.16 2.86 19.73
N ARG A 289 12.98 2.54 18.73
CA ARG A 289 13.12 1.14 18.31
C ARG A 289 13.74 0.30 19.41
N LEU A 290 14.78 0.81 20.06
CA LEU A 290 15.44 0.10 21.15
C LEU A 290 14.81 0.46 22.49
N ARG B 2 -10.22 -44.87 -8.10
CA ARG B 2 -11.51 -44.31 -8.45
C ARG B 2 -11.38 -43.21 -9.52
N CYS B 3 -12.42 -42.40 -9.66
CA CYS B 3 -12.40 -41.31 -10.64
C CYS B 3 -11.31 -40.29 -10.33
N CYS B 4 -10.89 -40.19 -9.06
CA CYS B 4 -9.84 -39.29 -8.60
C CYS B 4 -10.20 -37.83 -8.82
N GLN B 5 -9.23 -36.92 -8.63
CA GLN B 5 -9.53 -35.49 -8.65
C GLN B 5 -9.86 -35.02 -10.06
N ARG B 6 -9.20 -35.57 -11.08
CA ARG B 6 -9.35 -35.07 -12.44
C ARG B 6 -10.82 -35.02 -12.88
N VAL B 7 -11.61 -36.02 -12.49
CA VAL B 7 -13.01 -36.08 -12.91
C VAL B 7 -13.79 -34.90 -12.36
N VAL B 8 -13.50 -34.47 -11.14
CA VAL B 8 -14.31 -33.43 -10.49
C VAL B 8 -13.46 -32.21 -10.12
N GLY B 9 -12.17 -32.43 -9.88
CA GLY B 9 -11.30 -31.32 -9.52
C GLY B 9 -11.13 -30.30 -10.64
N TRP B 10 -11.23 -30.75 -11.90
CA TRP B 10 -11.14 -29.82 -13.02
C TRP B 10 -12.43 -29.04 -13.24
N VAL B 11 -13.50 -29.35 -12.49
CA VAL B 11 -14.78 -28.67 -12.72
C VAL B 11 -14.70 -27.18 -12.38
N PRO B 12 -14.15 -26.75 -11.23
CA PRO B 12 -14.02 -25.30 -11.00
C PRO B 12 -13.13 -24.61 -12.02
N VAL B 13 -12.12 -25.30 -12.54
CA VAL B 13 -11.23 -24.69 -13.52
C VAL B 13 -11.96 -24.46 -14.84
N LEU B 14 -12.72 -25.46 -15.30
CA LEU B 14 -13.45 -25.30 -16.56
C LEU B 14 -14.58 -24.30 -16.44
N PHE B 15 -15.22 -24.22 -15.28
CA PHE B 15 -16.25 -23.20 -15.07
C PHE B 15 -15.67 -21.79 -15.19
N ILE B 16 -14.54 -21.55 -14.52
CA ILE B 16 -13.86 -20.27 -14.67
C ILE B 16 -13.41 -20.06 -16.11
N THR B 17 -12.89 -21.12 -16.74
CA THR B 17 -12.41 -21.01 -18.12
C THR B 17 -13.53 -20.60 -19.05
N PHE B 18 -14.70 -21.23 -18.92
CA PHE B 18 -15.82 -20.92 -19.81
C PHE B 18 -16.40 -19.54 -19.52
N VAL B 19 -16.38 -19.11 -18.26
CA VAL B 19 -16.80 -17.75 -17.93
C VAL B 19 -15.84 -16.74 -18.54
N VAL B 20 -14.54 -17.02 -18.48
CA VAL B 20 -13.55 -16.10 -19.04
C VAL B 20 -13.64 -16.10 -20.56
N VAL B 21 -13.86 -17.27 -21.17
CA VAL B 21 -14.01 -17.34 -22.62
C VAL B 21 -15.24 -16.55 -23.05
N TRP B 22 -16.35 -16.70 -22.32
CA TRP B 22 -17.54 -15.92 -22.61
C TRP B 22 -17.26 -14.42 -22.51
N SER B 23 -16.55 -14.02 -21.46
CA SER B 23 -16.26 -12.61 -21.26
C SER B 23 -15.45 -12.03 -22.41
N TYR B 24 -14.56 -12.83 -23.00
CA TYR B 24 -13.85 -12.38 -24.20
C TYR B 24 -14.82 -12.12 -25.34
N TYR B 25 -15.68 -13.10 -25.64
CA TYR B 25 -16.65 -12.93 -26.72
C TYR B 25 -17.58 -11.75 -26.45
N ALA B 26 -18.07 -11.63 -25.22
CA ALA B 26 -19.00 -10.56 -24.89
C ALA B 26 -18.35 -9.19 -25.00
N TYR B 27 -17.13 -9.05 -24.46
CA TYR B 27 -16.49 -7.74 -24.45
C TYR B 27 -15.96 -7.36 -25.84
N VAL B 28 -15.32 -8.30 -26.53
CA VAL B 28 -14.68 -7.97 -27.80
C VAL B 28 -15.71 -7.86 -28.91
N VAL B 29 -16.58 -8.87 -29.04
CA VAL B 29 -17.51 -8.94 -30.16
C VAL B 29 -18.80 -8.20 -29.84
N GLU B 30 -19.49 -8.62 -28.78
CA GLU B 30 -20.79 -8.05 -28.48
C GLU B 30 -20.70 -6.59 -28.08
N LEU B 31 -19.66 -6.21 -27.34
CA LEU B 31 -19.53 -4.84 -26.86
C LEU B 31 -18.70 -3.97 -27.79
N CYS B 32 -17.43 -4.34 -28.02
CA CYS B 32 -16.54 -3.46 -28.76
C CYS B 32 -16.92 -3.40 -30.24
N VAL B 33 -17.21 -4.54 -30.85
CA VAL B 33 -17.51 -4.57 -32.28
C VAL B 33 -18.93 -4.12 -32.56
N PHE B 34 -19.91 -4.75 -31.90
CA PHE B 34 -21.30 -4.49 -32.25
C PHE B 34 -21.89 -3.26 -31.55
N THR B 35 -21.47 -2.97 -30.33
CA THR B 35 -22.07 -1.86 -29.58
C THR B 35 -21.27 -0.57 -29.75
N ILE B 36 -19.98 -0.59 -29.39
CA ILE B 36 -19.18 0.63 -29.42
C ILE B 36 -18.85 1.03 -30.85
N PHE B 37 -18.35 0.08 -31.64
CA PHE B 37 -18.00 0.39 -33.03
C PHE B 37 -19.24 0.70 -33.86
N GLY B 38 -20.39 0.10 -33.51
CA GLY B 38 -21.63 0.46 -34.16
C GLY B 38 -22.11 1.86 -33.85
N ASN B 39 -21.69 2.42 -32.72
CA ASN B 39 -22.07 3.77 -32.31
C ASN B 39 -21.16 4.84 -32.93
N GLU B 40 -20.36 4.46 -33.93
CA GLU B 40 -19.49 5.37 -34.68
C GLU B 40 -18.39 5.99 -33.83
N GLU B 41 -18.05 5.37 -32.70
CA GLU B 41 -16.94 5.82 -31.86
C GLU B 41 -15.82 4.79 -31.93
N ASN B 42 -15.19 4.70 -33.10
CA ASN B 42 -14.19 3.68 -33.36
C ASN B 42 -12.88 3.95 -32.63
N GLY B 43 -12.63 5.19 -32.23
CA GLY B 43 -11.44 5.47 -31.44
C GLY B 43 -11.46 4.77 -30.10
N LYS B 44 -12.61 4.78 -29.43
CA LYS B 44 -12.75 4.08 -28.16
C LYS B 44 -12.64 2.57 -28.36
N THR B 45 -13.08 2.06 -29.51
CA THR B 45 -13.00 0.63 -29.78
C THR B 45 -11.56 0.15 -29.77
N VAL B 46 -10.68 0.89 -30.44
CA VAL B 46 -9.28 0.46 -30.54
C VAL B 46 -8.61 0.50 -29.17
N VAL B 47 -8.83 1.59 -28.42
CA VAL B 47 -8.22 1.71 -27.09
C VAL B 47 -8.72 0.61 -26.17
N TYR B 48 -10.04 0.35 -26.17
CA TYR B 48 -10.60 -0.68 -25.31
C TYR B 48 -10.07 -2.06 -25.69
N LEU B 49 -10.01 -2.36 -26.99
CA LEU B 49 -9.56 -3.68 -27.41
C LEU B 49 -8.09 -3.91 -27.06
N VAL B 50 -7.26 -2.89 -27.21
CA VAL B 50 -5.84 -3.02 -26.86
C VAL B 50 -5.70 -3.18 -25.35
N ALA B 51 -6.33 -2.29 -24.58
CA ALA B 51 -6.25 -2.37 -23.13
C ALA B 51 -6.83 -3.68 -22.61
N PHE B 52 -7.94 -4.14 -23.19
CA PHE B 52 -8.56 -5.38 -22.75
C PHE B 52 -7.61 -6.56 -22.92
N HIS B 53 -6.89 -6.60 -24.03
CA HIS B 53 -6.03 -7.76 -24.30
C HIS B 53 -4.81 -7.79 -23.38
N LEU B 54 -4.33 -6.62 -22.94
CA LEU B 54 -3.22 -6.61 -21.98
C LEU B 54 -3.65 -7.16 -20.64
N PHE B 55 -4.84 -6.77 -20.16
CA PHE B 55 -5.35 -7.34 -18.92
C PHE B 55 -5.72 -8.82 -19.10
N PHE B 56 -6.30 -9.16 -20.24
CA PHE B 56 -6.69 -10.54 -20.51
C PHE B 56 -5.48 -11.46 -20.53
N VAL B 57 -4.37 -11.00 -21.11
CA VAL B 57 -3.18 -11.85 -21.21
C VAL B 57 -2.56 -12.05 -19.83
N MET B 58 -2.40 -10.98 -19.06
CA MET B 58 -1.81 -11.08 -17.73
C MET B 58 -2.64 -11.98 -16.83
N PHE B 59 -3.96 -11.90 -16.93
CA PHE B 59 -4.84 -12.76 -16.13
C PHE B 59 -4.66 -14.22 -16.51
N VAL B 60 -4.83 -14.54 -17.78
CA VAL B 60 -4.73 -15.92 -18.24
C VAL B 60 -3.32 -16.47 -18.01
N TRP B 61 -2.31 -15.63 -18.16
CA TRP B 61 -0.94 -16.06 -17.92
C TRP B 61 -0.73 -16.39 -16.43
N SER B 62 -1.17 -15.49 -15.55
CA SER B 62 -1.06 -15.75 -14.11
C SER B 62 -1.92 -16.94 -13.70
N TYR B 63 -3.13 -17.04 -14.25
CA TYR B 63 -4.02 -18.16 -13.93
C TYR B 63 -3.40 -19.48 -14.37
N TRP B 64 -2.79 -19.50 -15.57
CA TRP B 64 -2.16 -20.72 -16.06
C TRP B 64 -1.03 -21.16 -15.15
N MET B 65 -0.17 -20.21 -14.73
CA MET B 65 0.97 -20.55 -13.90
C MET B 65 0.52 -21.10 -12.55
N THR B 66 -0.56 -20.56 -11.99
CA THR B 66 -1.04 -21.04 -10.69
C THR B 66 -1.56 -22.47 -10.78
N ILE B 67 -2.20 -22.81 -11.90
CA ILE B 67 -2.81 -24.13 -12.03
C ILE B 67 -1.75 -25.20 -12.23
N PHE B 68 -0.83 -24.99 -13.17
CA PHE B 68 0.05 -26.03 -13.66
C PHE B 68 1.45 -26.01 -13.04
N THR B 69 1.73 -25.07 -12.15
CA THR B 69 3.00 -25.09 -11.42
C THR B 69 2.91 -26.19 -10.36
N SER B 70 3.71 -27.24 -10.52
CA SER B 70 3.67 -28.34 -9.58
C SER B 70 4.13 -27.86 -8.20
N PRO B 71 3.46 -28.28 -7.13
CA PRO B 71 3.85 -27.84 -5.79
C PRO B 71 5.16 -28.48 -5.38
N ALA B 72 5.99 -27.70 -4.68
CA ALA B 72 7.26 -28.22 -4.22
C ALA B 72 7.07 -29.19 -3.06
N SER B 73 7.92 -30.20 -3.01
CA SER B 73 7.90 -31.23 -1.98
C SER B 73 9.23 -31.25 -1.24
N PRO B 74 9.28 -31.83 -0.04
CA PRO B 74 10.53 -31.88 0.70
C PRO B 74 11.62 -32.61 -0.07
N SER B 75 12.87 -32.23 0.21
CA SER B 75 14.02 -32.81 -0.46
C SER B 75 14.31 -34.19 0.13
N LYS B 76 15.44 -34.78 -0.25
CA LYS B 76 15.76 -36.13 0.21
C LYS B 76 16.07 -36.15 1.70
N GLU B 77 16.69 -35.09 2.22
CA GLU B 77 17.12 -35.06 3.62
C GLU B 77 15.94 -35.17 4.58
N PHE B 78 14.73 -34.81 4.15
CA PHE B 78 13.57 -34.83 5.03
C PHE B 78 12.83 -36.15 5.02
N TYR B 79 13.20 -37.08 4.14
CA TYR B 79 12.66 -38.43 4.21
C TYR B 79 13.50 -39.26 5.17
N LEU B 80 12.82 -40.02 6.04
CA LEU B 80 13.53 -40.87 6.97
C LEU B 80 14.23 -42.01 6.24
N SER B 81 15.45 -42.31 6.66
CA SER B 81 16.19 -43.41 6.07
C SER B 81 15.51 -44.73 6.40
N ASN B 82 15.78 -45.74 5.57
CA ASN B 82 15.22 -47.07 5.81
C ASN B 82 15.65 -47.62 7.15
N SER B 83 16.89 -47.32 7.56
CA SER B 83 17.34 -47.71 8.89
C SER B 83 16.51 -47.01 9.97
N GLU B 84 16.25 -45.71 9.79
CA GLU B 84 15.44 -44.98 10.75
C GLU B 84 13.96 -45.31 10.61
N LYS B 85 13.50 -45.61 9.39
CA LYS B 85 12.09 -45.95 9.19
C LYS B 85 11.75 -47.29 9.83
N GLU B 86 12.66 -48.26 9.75
CA GLU B 86 12.40 -49.57 10.35
C GLU B 86 12.24 -49.46 11.86
N ARG B 87 13.13 -48.72 12.51
CA ARG B 87 13.04 -48.57 13.97
C ARG B 87 11.85 -47.71 14.37
N TYR B 88 11.51 -46.71 13.56
CA TYR B 88 10.36 -45.86 13.87
C TYR B 88 9.05 -46.63 13.76
N GLU B 89 8.91 -47.46 12.72
CA GLU B 89 7.68 -48.23 12.53
C GLU B 89 7.54 -49.33 13.58
N LYS B 90 8.66 -49.93 14.00
CA LYS B 90 8.59 -51.01 14.97
C LYS B 90 8.46 -50.51 16.40
N GLU B 91 8.94 -49.28 16.67
CA GLU B 91 8.90 -48.75 18.03
C GLU B 91 7.45 -48.56 18.49
N PHE B 92 7.17 -49.00 19.72
CA PHE B 92 5.85 -48.88 20.32
C PHE B 92 5.74 -47.72 21.29
N SER B 93 6.80 -47.45 22.06
CA SER B 93 6.78 -46.35 23.01
C SER B 93 6.77 -45.01 22.28
N GLN B 94 5.88 -44.11 22.71
CA GLN B 94 5.78 -42.80 22.08
C GLN B 94 7.02 -41.96 22.36
N GLU B 95 7.61 -42.09 23.55
CA GLU B 95 8.80 -41.31 23.88
C GLU B 95 9.99 -41.74 23.03
N ARG B 96 10.12 -43.04 22.75
CA ARG B 96 11.26 -43.53 21.99
C ARG B 96 11.23 -43.07 20.53
N GLN B 97 10.04 -42.94 19.95
CA GLN B 97 9.94 -42.57 18.54
C GLN B 97 10.57 -41.21 18.25
N GLN B 98 10.32 -40.22 19.12
CA GLN B 98 10.87 -38.88 18.87
C GLN B 98 12.38 -38.86 18.99
N GLU B 99 12.97 -39.77 19.76
CA GLU B 99 14.42 -39.77 19.94
C GLU B 99 15.15 -40.12 18.65
N ILE B 100 14.58 -41.01 17.85
CA ILE B 100 15.17 -41.32 16.54
C ILE B 100 15.13 -40.08 15.65
N LEU B 101 14.03 -39.34 15.69
CA LEU B 101 13.91 -38.14 14.86
C LEU B 101 14.99 -37.13 15.18
N ARG B 102 15.32 -36.97 16.47
CA ARG B 102 16.30 -35.97 16.88
C ARG B 102 17.65 -36.20 16.23
N ARG B 103 18.05 -37.47 16.06
CA ARG B 103 19.35 -37.75 15.45
C ARG B 103 19.37 -37.31 13.98
N ALA B 104 18.30 -37.58 13.24
CA ALA B 104 18.23 -37.13 11.85
C ALA B 104 17.94 -35.63 11.76
N ALA B 105 17.09 -35.11 12.65
CA ALA B 105 16.72 -33.70 12.62
C ALA B 105 17.90 -32.79 12.91
N ARG B 106 18.91 -33.28 13.64
CA ARG B 106 20.06 -32.45 13.98
C ARG B 106 20.80 -31.96 12.74
N ALA B 107 20.76 -32.73 11.64
CA ALA B 107 21.45 -32.31 10.43
C ALA B 107 20.69 -31.24 9.66
N LEU B 108 19.33 -31.26 9.70
CA LEU B 108 18.56 -30.31 8.91
C LEU B 108 18.18 -29.08 9.74
N PRO B 109 18.00 -27.93 9.09
CA PRO B 109 17.62 -26.67 9.79
C PRO B 109 16.12 -26.47 10.02
N ILE B 110 15.60 -27.11 11.07
CA ILE B 110 14.20 -26.99 11.45
C ILE B 110 14.14 -26.27 12.79
N TYR B 111 13.26 -25.26 12.87
CA TYR B 111 13.15 -24.41 14.05
C TYR B 111 11.76 -24.46 14.66
N THR B 112 10.89 -25.35 14.19
CA THR B 112 9.53 -25.45 14.69
C THR B 112 9.23 -26.90 15.06
N THR B 113 8.26 -27.06 15.95
CA THR B 113 7.76 -28.37 16.37
C THR B 113 6.24 -28.36 16.31
N SER B 114 5.64 -29.49 16.66
CA SER B 114 4.19 -29.57 16.73
C SER B 114 3.68 -28.78 17.93
N ALA B 115 2.34 -28.71 18.05
CA ALA B 115 1.74 -28.07 19.22
C ALA B 115 2.10 -28.80 20.51
N SER B 116 2.57 -30.04 20.41
CA SER B 116 3.02 -30.83 21.55
C SER B 116 4.54 -30.81 21.70
N LYS B 117 5.20 -29.83 21.09
CA LYS B 117 6.66 -29.67 21.13
C LYS B 117 7.39 -30.88 20.59
N THR B 118 6.72 -31.68 19.76
CA THR B 118 7.31 -32.85 19.14
C THR B 118 7.70 -32.51 17.70
N ILE B 119 8.76 -33.18 17.22
CA ILE B 119 9.20 -32.98 15.84
C ILE B 119 8.08 -33.34 14.88
N ARG B 120 7.75 -32.39 14.01
CA ARG B 120 6.66 -32.56 13.05
C ARG B 120 6.98 -33.70 12.08
N TYR B 121 6.13 -34.73 12.06
CA TYR B 121 6.34 -35.89 11.22
C TYR B 121 5.02 -36.25 10.53
N CYS B 122 5.14 -36.68 9.27
CA CYS B 122 3.99 -37.06 8.45
C CYS B 122 3.94 -38.58 8.34
N GLU B 123 2.85 -39.17 8.82
CA GLU B 123 2.72 -40.64 8.80
C GLU B 123 2.54 -41.16 7.38
N LYS B 124 1.59 -40.57 6.64
CA LYS B 124 1.29 -41.06 5.30
C LYS B 124 2.47 -40.87 4.36
N CYS B 125 3.10 -39.69 4.39
CA CYS B 125 4.25 -39.44 3.54
C CYS B 125 5.52 -40.07 4.08
N GLN B 126 5.57 -40.40 5.37
CA GLN B 126 6.72 -41.03 6.01
C GLN B 126 7.98 -40.16 5.87
N LEU B 127 7.88 -38.94 6.40
CA LEU B 127 8.98 -37.99 6.34
C LEU B 127 8.79 -36.96 7.45
N ILE B 128 9.86 -36.22 7.73
CA ILE B 128 9.83 -35.15 8.72
C ILE B 128 9.49 -33.85 8.00
N LYS B 129 8.38 -33.24 8.40
CA LYS B 129 7.88 -32.03 7.76
C LYS B 129 8.85 -30.87 7.92
N PRO B 130 9.31 -30.26 6.83
CA PRO B 130 10.12 -29.04 6.95
C PRO B 130 9.29 -27.91 7.55
N ASP B 131 9.99 -26.84 7.94
CA ASP B 131 9.31 -25.68 8.49
C ASP B 131 8.30 -25.14 7.49
N ARG B 132 7.11 -24.81 7.99
CA ARG B 132 6.00 -24.22 7.25
C ARG B 132 5.39 -25.18 6.23
N ALA B 133 5.88 -26.42 6.14
CA ALA B 133 5.34 -27.39 5.20
C ALA B 133 4.28 -28.25 5.87
N HIS B 134 3.23 -28.59 5.11
CA HIS B 134 2.13 -29.38 5.62
C HIS B 134 1.70 -30.39 4.56
N HIS B 135 1.06 -31.46 5.01
CA HIS B 135 0.58 -32.52 4.13
C HIS B 135 -0.84 -32.19 3.66
N CYS B 136 -1.07 -32.32 2.35
CA CYS B 136 -2.36 -32.07 1.75
C CYS B 136 -2.96 -33.39 1.29
N SER B 137 -4.16 -33.71 1.79
CA SER B 137 -4.82 -34.95 1.39
C SER B 137 -5.22 -34.93 -0.08
N ALA B 138 -5.59 -33.76 -0.60
CA ALA B 138 -5.98 -33.66 -2.00
C ALA B 138 -4.77 -33.83 -2.91
N CYS B 139 -3.67 -33.14 -2.61
CA CYS B 139 -2.45 -33.28 -3.38
C CYS B 139 -1.70 -34.56 -3.06
N ASP B 140 -1.99 -35.19 -1.93
CA ASP B 140 -1.36 -36.44 -1.51
C ASP B 140 0.17 -36.31 -1.47
N SER B 141 0.63 -35.21 -0.86
CA SER B 141 2.05 -34.94 -0.74
C SER B 141 2.25 -33.82 0.25
N CYS B 142 3.48 -33.66 0.71
CA CYS B 142 3.85 -32.55 1.59
C CYS B 142 4.26 -31.35 0.73
N ILE B 143 3.67 -30.20 1.01
CA ILE B 143 3.83 -29.00 0.20
C ILE B 143 4.69 -28.02 0.98
N LEU B 144 5.78 -27.57 0.36
CA LEU B 144 6.65 -26.59 1.00
C LEU B 144 5.95 -25.24 1.10
N LYS B 145 6.03 -24.63 2.28
CA LYS B 145 5.30 -23.40 2.60
C LYS B 145 3.87 -23.44 2.07
N MET B 146 3.16 -24.49 2.48
CA MET B 146 1.78 -24.68 2.05
C MET B 146 0.89 -23.56 2.59
N ASP B 147 0.08 -22.98 1.72
CA ASP B 147 -0.92 -22.00 2.12
C ASP B 147 -2.30 -22.64 2.27
N HIS B 148 -2.81 -23.26 1.22
CA HIS B 148 -4.09 -23.96 1.22
C HIS B 148 -4.28 -24.64 -0.12
N HIS B 149 -5.23 -25.57 -0.15
CA HIS B 149 -5.65 -26.18 -1.42
C HIS B 149 -6.78 -25.35 -2.03
N PRO B 151 -9.50 -25.00 -4.71
CA PRO B 151 -10.31 -25.71 -5.71
C PRO B 151 -10.39 -24.96 -7.02
N TRP B 152 -10.30 -23.64 -6.95
CA TRP B 152 -10.44 -22.80 -8.14
C TRP B 152 -9.31 -23.02 -9.13
N VAL B 153 -8.13 -23.42 -8.67
CA VAL B 153 -7.02 -23.75 -9.54
C VAL B 153 -6.68 -25.23 -9.51
N ASN B 154 -7.45 -26.04 -8.79
CA ASN B 154 -7.26 -27.49 -8.71
C ASN B 154 -5.80 -27.84 -8.44
N ASN B 155 -5.21 -27.17 -7.46
CA ASN B 155 -3.80 -27.34 -7.15
C ASN B 155 -3.53 -26.77 -5.76
N CYS B 156 -2.43 -27.20 -5.18
CA CYS B 156 -1.98 -26.63 -3.92
C CYS B 156 -1.32 -25.28 -4.16
N VAL B 157 -1.59 -24.34 -3.27
CA VAL B 157 -0.97 -23.02 -3.31
C VAL B 157 0.13 -23.03 -2.26
N GLY B 158 1.37 -23.14 -2.70
CA GLY B 158 2.50 -23.19 -1.78
C GLY B 158 3.70 -22.40 -2.27
N PHE B 159 4.90 -22.85 -1.87
CA PHE B 159 6.12 -22.10 -2.16
C PHE B 159 6.32 -21.88 -3.65
N SER B 160 5.90 -22.82 -4.49
CA SER B 160 6.20 -22.74 -5.91
C SER B 160 5.30 -21.73 -6.62
N ASN B 161 4.00 -21.71 -6.31
CA ASN B 161 3.04 -20.94 -7.08
C ASN B 161 2.43 -19.78 -6.31
N TYR B 162 2.87 -19.52 -5.07
CA TYR B 162 2.20 -18.50 -4.25
C TYR B 162 2.22 -17.13 -4.91
N LYS B 163 3.36 -16.76 -5.50
CA LYS B 163 3.42 -15.46 -6.17
C LYS B 163 2.59 -15.46 -7.44
N PHE B 164 2.52 -16.60 -8.14
CA PHE B 164 1.62 -16.72 -9.27
C PHE B 164 0.17 -16.64 -8.82
N PHE B 165 -0.13 -17.19 -7.64
CA PHE B 165 -1.48 -17.12 -7.10
C PHE B 165 -1.87 -15.69 -6.77
N LEU B 166 -0.95 -14.92 -6.17
CA LEU B 166 -1.24 -13.53 -5.84
C LEU B 166 -1.43 -12.70 -7.10
N LEU B 167 -0.59 -12.92 -8.11
CA LEU B 167 -0.75 -12.22 -9.38
C LEU B 167 -2.02 -12.66 -10.10
N PHE B 168 -2.40 -13.94 -9.98
CA PHE B 168 -3.67 -14.38 -10.52
C PHE B 168 -4.83 -13.58 -9.92
N LEU B 169 -4.78 -13.34 -8.61
CA LEU B 169 -5.80 -12.50 -7.99
C LEU B 169 -5.71 -11.07 -8.52
N LEU B 170 -4.53 -10.45 -8.41
CA LEU B 170 -4.36 -9.06 -8.83
C LEU B 170 -4.88 -8.82 -10.24
N TYR B 171 -4.52 -9.68 -11.17
CA TYR B 171 -4.95 -9.48 -12.56
C TYR B 171 -6.41 -9.85 -12.76
N SER B 172 -7.00 -10.64 -11.85
CA SER B 172 -8.45 -10.79 -11.83
C SER B 172 -9.12 -9.51 -11.37
N LEU B 173 -8.57 -8.86 -10.34
CA LEU B 173 -9.09 -7.57 -9.89
C LEU B 173 -9.06 -6.54 -11.01
N LEU B 174 -7.91 -6.41 -11.68
CA LEU B 174 -7.78 -5.41 -12.73
C LEU B 174 -8.65 -5.75 -13.94
N TYR B 175 -8.73 -7.05 -14.27
CA TYR B 175 -9.55 -7.46 -15.40
C TYR B 175 -11.02 -7.17 -15.16
N CYS B 176 -11.54 -7.57 -14.00
CA CYS B 176 -12.94 -7.31 -13.68
C CYS B 176 -13.21 -5.82 -13.54
N LEU B 177 -12.29 -5.09 -12.92
CA LEU B 177 -12.47 -3.65 -12.76
C LEU B 177 -12.48 -2.94 -14.11
N PHE B 178 -11.56 -3.30 -15.00
CA PHE B 178 -11.53 -2.70 -16.33
C PHE B 178 -12.83 -2.96 -17.08
N VAL B 179 -13.36 -4.18 -16.98
CA VAL B 179 -14.60 -4.51 -17.67
C VAL B 179 -15.75 -3.66 -17.11
N ALA B 180 -15.92 -3.66 -15.79
CA ALA B 180 -17.03 -2.95 -15.18
C ALA B 180 -16.97 -1.45 -15.49
N ALA B 181 -15.77 -0.87 -15.45
CA ALA B 181 -15.64 0.56 -15.69
C ALA B 181 -16.02 0.93 -17.12
N THR B 182 -15.61 0.12 -18.09
CA THR B 182 -15.89 0.43 -19.49
C THR B 182 -17.30 0.00 -19.90
N VAL B 183 -17.84 -1.05 -19.30
CA VAL B 183 -19.18 -1.52 -19.67
C VAL B 183 -20.26 -0.63 -19.08
N LEU B 184 -19.97 0.06 -17.97
CA LEU B 184 -21.00 0.76 -17.20
C LEU B 184 -21.78 1.75 -18.07
N GLU B 185 -21.09 2.60 -18.81
CA GLU B 185 -21.77 3.61 -19.62
C GLU B 185 -22.66 2.96 -20.66
N TYR B 186 -22.23 1.83 -21.23
CA TYR B 186 -23.04 1.14 -22.22
C TYR B 186 -24.11 0.26 -21.59
N PHE B 187 -23.87 -0.22 -20.36
CA PHE B 187 -24.93 -0.89 -19.61
C PHE B 187 -26.07 0.06 -19.32
N ILE B 188 -25.75 1.30 -18.91
CA ILE B 188 -26.79 2.28 -18.59
C ILE B 188 -27.58 2.64 -19.84
N LYS B 189 -26.89 2.86 -20.97
CA LYS B 189 -27.58 3.29 -22.18
C LYS B 189 -28.57 2.24 -22.69
N PHE B 190 -28.25 0.96 -22.51
CA PHE B 190 -29.17 -0.08 -22.97
C PHE B 190 -30.49 -0.02 -22.21
N TRP B 191 -30.44 0.27 -20.91
CA TRP B 191 -31.62 0.22 -20.07
C TRP B 191 -32.28 1.57 -19.86
N THR B 192 -31.62 2.66 -20.25
CA THR B 192 -32.30 3.91 -20.52
C THR B 192 -32.78 3.99 -21.96
N ASN B 193 -32.63 2.90 -22.71
CA ASN B 193 -33.10 2.77 -24.09
C ASN B 193 -32.48 3.83 -25.01
N GLU B 194 -31.20 4.12 -24.79
CA GLU B 194 -30.40 4.83 -25.78
C GLU B 194 -29.78 3.87 -26.79
N LEU B 195 -29.71 2.58 -26.46
CA LEU B 195 -29.29 1.52 -27.36
C LEU B 195 -30.30 0.39 -27.29
N THR B 196 -30.41 -0.38 -28.37
CA THR B 196 -31.53 -1.28 -28.53
C THR B 196 -31.17 -2.75 -28.73
N ASP B 197 -29.99 -3.05 -29.28
CA ASP B 197 -29.64 -4.41 -29.69
C ASP B 197 -29.90 -5.42 -28.57
N THR B 198 -30.80 -6.37 -28.83
CA THR B 198 -31.18 -7.34 -27.81
C THR B 198 -30.10 -8.38 -27.58
N ARG B 199 -29.35 -8.75 -28.61
CA ARG B 199 -28.28 -9.73 -28.43
C ARG B 199 -27.18 -9.20 -27.53
N ALA B 200 -26.78 -7.95 -27.73
CA ALA B 200 -25.73 -7.36 -26.90
C ALA B 200 -26.25 -6.93 -25.54
N LYS B 201 -27.54 -6.60 -25.44
CA LYS B 201 -28.12 -6.19 -24.16
C LYS B 201 -27.93 -7.26 -23.09
N PHE B 202 -28.09 -8.53 -23.47
CA PHE B 202 -27.90 -9.63 -22.52
C PHE B 202 -26.45 -9.70 -22.06
N HIS B 203 -25.51 -9.70 -23.01
CA HIS B 203 -24.11 -9.85 -22.65
C HIS B 203 -23.58 -8.64 -21.89
N VAL B 204 -24.04 -7.44 -22.25
CA VAL B 204 -23.56 -6.23 -21.59
C VAL B 204 -24.04 -6.19 -20.14
N LEU B 205 -25.28 -6.60 -19.90
CA LEU B 205 -25.78 -6.66 -18.52
C LEU B 205 -24.97 -7.65 -17.69
N PHE B 206 -24.77 -8.86 -18.21
CA PHE B 206 -24.03 -9.87 -17.45
C PHE B 206 -22.55 -9.54 -17.36
N LEU B 207 -21.98 -8.92 -18.40
CA LEU B 207 -20.59 -8.45 -18.31
C LEU B 207 -20.41 -7.55 -17.10
N PHE B 208 -21.37 -6.66 -16.86
CA PHE B 208 -21.26 -5.73 -15.74
C PHE B 208 -21.49 -6.44 -14.41
N PHE B 209 -22.50 -7.32 -14.34
CA PHE B 209 -22.84 -7.95 -13.07
C PHE B 209 -21.82 -9.03 -12.69
N VAL B 210 -21.43 -9.87 -13.64
CA VAL B 210 -20.48 -10.95 -13.35
C VAL B 210 -19.13 -10.37 -12.95
N SER B 211 -18.64 -9.37 -13.70
CA SER B 211 -17.37 -8.76 -13.37
C SER B 211 -17.43 -8.05 -12.03
N ALA B 212 -18.58 -7.45 -11.69
CA ALA B 212 -18.73 -6.83 -10.39
C ALA B 212 -18.85 -7.87 -9.28
N MET B 213 -19.41 -9.03 -9.60
N MET B 213 -19.42 -9.03 -9.59
CA MET B 213 -19.54 -10.09 -8.60
CA MET B 213 -19.54 -10.08 -8.58
C MET B 213 -18.19 -10.68 -8.25
C MET B 213 -18.18 -10.67 -8.25
N PHE B 214 -17.34 -10.90 -9.26
CA PHE B 214 -16.00 -11.43 -8.99
C PHE B 214 -15.11 -10.39 -8.34
N PHE B 215 -15.24 -9.12 -8.75
CA PHE B 215 -14.41 -8.07 -8.18
C PHE B 215 -14.59 -7.98 -6.67
N ILE B 216 -15.85 -7.91 -6.21
CA ILE B 216 -16.10 -7.88 -4.77
C ILE B 216 -15.61 -9.16 -4.12
N SER B 217 -15.80 -10.30 -4.78
CA SER B 217 -15.41 -11.58 -4.19
C SER B 217 -13.90 -11.66 -4.03
N VAL B 218 -13.15 -11.40 -5.10
CA VAL B 218 -11.70 -11.55 -5.04
C VAL B 218 -11.01 -10.39 -4.33
N LEU B 219 -11.65 -9.23 -4.22
CA LEU B 219 -11.02 -8.09 -3.56
C LEU B 219 -10.74 -8.39 -2.09
N SER B 220 -11.73 -8.92 -1.37
CA SER B 220 -11.53 -9.28 0.02
C SER B 220 -10.46 -10.36 0.15
N LEU B 221 -10.48 -11.35 -0.73
CA LEU B 221 -9.44 -12.37 -0.74
C LEU B 221 -8.07 -11.77 -1.01
N PHE B 222 -8.01 -10.79 -1.92
CA PHE B 222 -6.73 -10.16 -2.24
C PHE B 222 -6.22 -9.31 -1.08
N SER B 223 -7.10 -8.53 -0.45
CA SER B 223 -6.70 -7.72 0.69
C SER B 223 -6.25 -8.58 1.86
N TYR B 224 -6.89 -9.74 2.03
CA TYR B 224 -6.50 -10.65 3.12
C TYR B 224 -5.10 -11.19 2.91
N HIS B 225 -4.78 -11.59 1.68
CA HIS B 225 -3.44 -12.13 1.41
C HIS B 225 -2.37 -11.05 1.43
N CYS B 226 -2.72 -9.82 1.05
CA CYS B 226 -1.78 -8.72 1.20
C CYS B 226 -1.38 -8.53 2.66
N TRP B 227 -2.31 -8.77 3.59
CA TRP B 227 -1.98 -8.72 5.00
C TRP B 227 -1.10 -9.90 5.40
N LEU B 228 -1.43 -11.09 4.89
CA LEU B 228 -0.64 -12.28 5.21
C LEU B 228 0.81 -12.13 4.75
N VAL B 229 1.02 -11.62 3.54
CA VAL B 229 2.39 -11.44 3.03
C VAL B 229 3.13 -10.41 3.87
N GLY B 230 2.45 -9.33 4.25
CA GLY B 230 3.09 -8.33 5.10
C GLY B 230 3.49 -8.86 6.46
N LYS B 231 2.75 -9.84 6.97
CA LYS B 231 3.08 -10.47 8.24
C LYS B 231 3.89 -11.75 8.07
N ASN B 232 4.11 -12.21 6.84
CA ASN B 232 4.84 -13.45 6.55
C ASN B 232 4.18 -14.64 7.24
N ARG B 233 2.87 -14.76 7.07
CA ARG B 233 2.09 -15.87 7.61
C ARG B 233 1.32 -16.54 6.48
N THR B 234 1.40 -17.86 6.40
CA THR B 234 0.55 -18.60 5.50
C THR B 234 -0.87 -18.69 6.08
N THR B 235 -1.81 -19.16 5.26
CA THR B 235 -3.18 -19.31 5.74
C THR B 235 -3.24 -20.27 6.91
N ILE B 236 -2.47 -21.35 6.86
CA ILE B 236 -2.44 -22.31 7.97
C ILE B 236 -1.88 -21.66 9.22
N GLU B 237 -0.76 -20.95 9.08
CA GLU B 237 -0.12 -20.31 10.24
C GLU B 237 -1.00 -19.21 10.82
N SER B 238 -1.84 -18.58 10.01
CA SER B 238 -2.73 -17.54 10.50
C SER B 238 -3.78 -18.08 11.46
N PHE B 239 -4.09 -19.38 11.38
CA PHE B 239 -5.03 -20.01 12.30
C PHE B 239 -4.33 -20.72 13.45
N ARG B 240 -3.37 -21.58 13.14
CA ARG B 240 -2.58 -22.30 14.14
C ARG B 240 -1.14 -21.83 14.01
N ALA B 241 -0.72 -20.96 14.93
CA ALA B 241 0.62 -20.41 14.86
C ALA B 241 1.66 -21.51 15.07
N PRO B 242 2.78 -21.46 14.36
CA PRO B 242 3.81 -22.48 14.54
C PRO B 242 4.52 -22.32 15.88
N THR B 243 4.91 -23.45 16.45
CA THR B 243 5.54 -23.49 17.76
C THR B 243 7.05 -23.57 17.59
N PHE B 244 7.76 -22.54 18.08
CA PHE B 244 9.21 -22.49 18.01
C PHE B 244 9.82 -23.03 19.30
N SER B 245 11.15 -22.99 19.39
CA SER B 245 11.84 -23.47 20.58
C SER B 245 11.45 -22.66 21.81
N TYR B 246 11.21 -21.36 21.65
CA TYR B 246 10.78 -20.51 22.75
C TYR B 246 9.27 -20.41 22.86
N GLY B 247 8.54 -21.26 22.16
CA GLY B 247 7.09 -21.29 22.24
C GLY B 247 6.42 -20.84 20.96
N PRO B 248 5.09 -20.85 20.95
CA PRO B 248 4.36 -20.42 19.75
C PRO B 248 4.56 -18.93 19.48
N ASP B 249 4.82 -18.61 18.21
CA ASP B 249 5.02 -17.23 17.79
C ASP B 249 4.27 -17.01 16.49
N GLY B 250 3.31 -16.08 16.51
CA GLY B 250 2.61 -15.71 15.30
C GLY B 250 3.45 -14.87 14.34
N ASN B 251 4.62 -14.40 14.79
CA ASN B 251 5.53 -13.62 13.97
C ASN B 251 6.90 -14.29 13.89
N GLY B 252 6.94 -15.62 14.00
CA GLY B 252 8.21 -16.32 14.04
C GLY B 252 9.00 -16.21 12.75
N PHE B 253 8.31 -16.16 11.61
CA PHE B 253 8.97 -16.06 10.31
C PHE B 253 8.94 -14.65 9.74
N SER B 254 8.47 -13.67 10.52
CA SER B 254 8.38 -12.30 10.05
C SER B 254 9.74 -11.61 10.11
N LEU B 255 10.03 -10.82 9.08
CA LEU B 255 11.29 -10.09 8.99
C LEU B 255 11.07 -8.58 8.86
N GLY B 256 9.87 -8.09 9.11
CA GLY B 256 9.53 -6.73 8.78
C GLY B 256 8.79 -6.64 7.46
N CYS B 257 7.93 -5.62 7.35
CA CYS B 257 7.01 -5.53 6.22
C CYS B 257 7.74 -5.53 4.89
N SER B 258 8.76 -4.68 4.75
CA SER B 258 9.49 -4.60 3.49
C SER B 258 10.16 -5.92 3.15
N LYS B 259 10.77 -6.58 4.15
CA LYS B 259 11.51 -7.80 3.87
C LYS B 259 10.58 -8.97 3.58
N ASN B 260 9.40 -9.00 4.20
CA ASN B 260 8.46 -10.10 3.99
C ASN B 260 7.95 -10.16 2.55
N TRP B 261 7.64 -9.00 1.97
CA TRP B 261 7.22 -8.95 0.57
C TRP B 261 8.33 -9.45 -0.36
N ARG B 262 9.58 -9.06 -0.06
CA ARG B 262 10.70 -9.49 -0.89
C ARG B 262 10.89 -10.99 -0.87
N GLN B 263 10.54 -11.64 0.24
CA GLN B 263 10.63 -13.10 0.31
C GLN B 263 9.75 -13.75 -0.76
N VAL B 264 8.56 -13.22 -0.99
CA VAL B 264 7.63 -13.77 -1.96
C VAL B 264 7.91 -13.26 -3.37
N PHE B 265 8.11 -11.96 -3.52
CA PHE B 265 8.22 -11.34 -4.84
C PHE B 265 9.65 -11.16 -5.33
N GLY B 266 10.64 -11.26 -4.46
CA GLY B 266 12.02 -11.09 -4.87
C GLY B 266 12.49 -9.66 -4.76
N ASP B 267 13.73 -9.45 -5.17
CA ASP B 267 14.37 -8.15 -5.08
C ASP B 267 14.39 -7.38 -6.39
N GLU B 268 14.18 -8.05 -7.52
CA GLU B 268 14.19 -7.40 -8.82
C GLU B 268 12.78 -6.95 -9.17
N LYS B 269 12.60 -5.64 -9.37
CA LYS B 269 11.28 -5.08 -9.62
C LYS B 269 10.69 -5.61 -10.93
N LYS B 270 11.53 -5.99 -11.89
CA LYS B 270 11.02 -6.41 -13.20
C LYS B 270 10.27 -7.74 -13.15
N TYR B 271 10.35 -8.48 -12.05
CA TYR B 271 9.62 -9.74 -11.90
C TYR B 271 8.43 -9.63 -10.95
N TRP B 272 8.21 -8.48 -10.33
CA TRP B 272 7.17 -8.38 -9.31
C TRP B 272 5.79 -8.63 -9.89
N LEU B 273 5.51 -8.09 -11.08
CA LEU B 273 4.20 -8.19 -11.70
C LEU B 273 4.11 -9.28 -12.76
N LEU B 274 5.17 -10.06 -12.95
CA LEU B 274 5.18 -11.11 -13.95
C LEU B 274 5.08 -12.48 -13.30
N PRO B 275 4.21 -13.36 -13.78
CA PRO B 275 4.11 -14.71 -13.19
C PRO B 275 5.32 -15.57 -13.54
N ILE B 276 6.51 -15.08 -13.20
CA ILE B 276 7.75 -15.82 -13.36
C ILE B 276 8.34 -16.03 -11.96
N PHE B 277 8.83 -17.24 -11.71
CA PHE B 277 9.28 -17.58 -10.37
C PHE B 277 10.42 -16.66 -9.93
N SER B 278 10.23 -16.02 -8.76
CA SER B 278 11.24 -15.11 -8.26
C SER B 278 11.30 -15.07 -6.73
N SER B 279 10.76 -16.07 -6.06
CA SER B 279 10.74 -16.07 -4.60
C SER B 279 12.10 -16.43 -4.03
N LEU B 280 12.40 -15.88 -2.86
CA LEU B 280 13.66 -16.12 -2.17
C LEU B 280 13.63 -17.47 -1.45
N GLY B 281 14.81 -18.03 -1.23
CA GLY B 281 14.95 -19.27 -0.49
C GLY B 281 14.61 -20.49 -1.31
N ASP B 282 14.48 -21.61 -0.62
CA ASP B 282 14.21 -22.90 -1.25
C ASP B 282 12.94 -23.57 -0.75
N GLY B 283 12.26 -23.00 0.25
CA GLY B 283 11.03 -23.57 0.75
C GLY B 283 11.19 -24.57 1.88
N CYS B 284 12.41 -25.03 2.15
CA CYS B 284 12.64 -25.97 3.25
C CYS B 284 13.14 -25.29 4.51
N SER B 285 13.86 -24.17 4.37
CA SER B 285 14.32 -23.38 5.49
C SER B 285 13.97 -21.92 5.24
N PHE B 286 13.60 -21.21 6.31
CA PHE B 286 13.18 -19.83 6.20
C PHE B 286 13.87 -19.00 7.29
N PRO B 287 14.22 -17.75 6.99
CA PRO B 287 14.77 -16.88 8.04
C PRO B 287 13.77 -16.68 9.16
N THR B 288 14.29 -16.56 10.38
CA THR B 288 13.46 -16.42 11.57
C THR B 288 13.60 -15.02 12.16
N ARG B 289 12.57 -14.64 12.93
CA ARG B 289 12.61 -13.35 13.61
C ARG B 289 13.75 -13.28 14.62
N LEU B 290 13.94 -14.35 15.39
CA LEU B 290 14.99 -14.39 16.40
C LEU B 290 16.30 -14.88 15.79
N VAL B 291 16.54 -16.19 15.84
CA VAL B 291 17.77 -16.76 15.30
C VAL B 291 17.55 -18.21 14.88
#